data_1VCZ
#
_entry.id   1VCZ
#
_cell.length_a   37.280
_cell.length_b   69.547
_cell.length_c   73.969
_cell.angle_alpha   90.00
_cell.angle_beta   90.00
_cell.angle_gamma   90.00
#
_symmetry.space_group_name_H-M   'P 21 21 21'
#
loop_
_entity.id
_entity.type
_entity.pdbx_description
1 polymer 'RNase NGR3'
2 non-polymer "GUANOSINE-5'-MONOPHOSPHATE"
3 water water
#
_entity_poly.entity_id   1
_entity_poly.type   'polypeptide(L)'
_entity_poly.pdbx_seq_one_letter_code
;YVEFAQDFDFFYFVQQWPASYCDTRRSCCYPTTGKPDEDFSIHGLWPNYENGKWPQNCDRESSLDESEISDLISTMEKNW
PSLACPSSDGVRFWSHEWLKHGTCSALGERAYFQAALDFRKKSNLLENLKNAEITPRNGEHYTLESIKKAIEEGVGHSPY
IECNVDTQGNHQIYQVYLCVDKTATDFIDCPIFPHGRGCGSKIEFPPFSSESDHDEF
;
_entity_poly.pdbx_strand_id   A
#
loop_
_chem_comp.id
_chem_comp.type
_chem_comp.name
_chem_comp.formula
5GP non-polymer GUANOSINE-5'-MONOPHOSPHATE 'C10 H14 N5 O8 P'
#
# COMPACT_ATOMS: atom_id res chain seq x y z
N ALA A 5 -4.57 8.39 -26.38
CA ALA A 5 -5.68 8.64 -25.42
C ALA A 5 -5.21 8.55 -23.96
N GLN A 6 -5.36 7.37 -23.34
CA GLN A 6 -4.97 7.18 -21.95
C GLN A 6 -3.53 7.58 -21.61
N ASP A 7 -3.42 8.49 -20.64
CA ASP A 7 -2.16 9.03 -20.20
C ASP A 7 -1.18 8.08 -19.52
N PHE A 8 -1.62 6.87 -19.15
CA PHE A 8 -0.66 5.98 -18.51
C PHE A 8 -0.93 4.51 -18.82
N ASP A 9 -0.07 3.62 -18.33
CA ASP A 9 -0.21 2.21 -18.65
C ASP A 9 -0.87 1.31 -17.62
N PHE A 10 -0.59 1.52 -16.35
CA PHE A 10 -1.17 0.69 -15.30
C PHE A 10 -0.93 1.40 -13.97
N PHE A 11 -1.50 0.84 -12.90
CA PHE A 11 -1.28 1.37 -11.54
C PHE A 11 -0.50 0.42 -10.70
N TYR A 12 0.34 0.96 -9.84
CA TYR A 12 0.94 0.13 -8.84
C TYR A 12 -0.04 0.39 -7.68
N PHE A 13 -0.51 -0.67 -7.04
CA PHE A 13 -1.36 -0.53 -5.84
C PHE A 13 -0.42 -1.00 -4.73
N VAL A 14 -0.06 -0.04 -3.87
CA VAL A 14 0.89 -0.26 -2.80
C VAL A 14 0.27 -0.28 -1.39
N GLN A 15 0.57 -1.35 -0.66
CA GLN A 15 0.11 -1.49 0.72
C GLN A 15 1.32 -1.58 1.64
N GLN A 16 1.14 -1.12 2.87
CA GLN A 16 2.24 -1.17 3.84
C GLN A 16 1.82 -1.99 5.05
N TRP A 17 2.81 -2.56 5.73
CA TRP A 17 2.57 -3.32 6.96
C TRP A 17 2.95 -2.30 8.04
N PRO A 18 1.95 -1.71 8.72
CA PRO A 18 2.16 -0.71 9.76
C PRO A 18 3.26 -1.03 10.76
N ALA A 19 3.25 -2.24 11.29
CA ALA A 19 4.26 -2.61 12.28
C ALA A 19 5.69 -2.45 11.78
N SER A 20 5.90 -2.61 10.47
CA SER A 20 7.25 -2.45 9.93
C SER A 20 7.63 -0.99 9.69
N TYR A 21 6.65 -0.10 9.75
CA TYR A 21 6.96 1.31 9.59
C TYR A 21 7.29 1.84 10.98
N CYS A 22 6.78 1.16 12.00
CA CYS A 22 6.94 1.61 13.40
C CYS A 22 7.97 0.94 14.30
N ASP A 23 8.86 0.14 13.72
CA ASP A 23 9.87 -0.53 14.54
C ASP A 23 11.25 -0.25 13.99
N THR A 24 11.37 0.86 13.27
CA THR A 24 12.62 1.25 12.65
C THR A 24 13.28 2.41 13.37
N ARG A 25 14.29 2.97 12.74
CA ARG A 25 15.02 4.08 13.31
C ARG A 25 14.28 5.40 13.09
N ARG A 26 13.21 5.37 12.28
CA ARG A 26 12.43 6.58 12.02
C ARG A 26 11.29 6.77 13.02
N SER A 27 10.69 7.95 12.99
CA SER A 27 9.58 8.26 13.88
C SER A 27 8.25 7.81 13.32
N CYS A 28 7.43 7.20 14.16
CA CYS A 28 6.10 6.78 13.73
C CYS A 28 5.16 7.27 14.84
N CYS A 29 4.03 7.85 14.42
CA CYS A 29 3.03 8.39 15.34
C CYS A 29 1.66 7.81 14.96
N TYR A 30 0.96 7.22 15.92
CA TYR A 30 -0.37 6.66 15.64
C TYR A 30 -1.32 7.78 15.23
N PRO A 31 -2.33 7.46 14.39
CA PRO A 31 -3.32 8.43 13.91
C PRO A 31 -4.17 9.01 15.04
N THR A 32 -4.87 10.10 14.75
CA THR A 32 -5.75 10.75 15.72
C THR A 32 -6.78 9.74 16.23
N THR A 33 -7.01 8.68 15.48
CA THR A 33 -7.98 7.66 15.83
C THR A 33 -7.41 6.53 16.68
N GLY A 34 -6.12 6.63 17.01
CA GLY A 34 -5.50 5.60 17.83
C GLY A 34 -4.66 4.59 17.07
N LYS A 35 -4.13 3.61 17.81
CA LYS A 35 -3.30 2.56 17.22
C LYS A 35 -4.04 1.86 16.09
N PRO A 36 -3.45 1.84 14.89
CA PRO A 36 -4.05 1.20 13.71
C PRO A 36 -4.30 -0.29 13.89
N ASP A 37 -5.18 -0.85 13.06
CA ASP A 37 -5.46 -2.29 13.12
C ASP A 37 -4.17 -2.98 12.68
N GLU A 38 -3.96 -4.22 13.14
CA GLU A 38 -2.78 -4.99 12.76
C GLU A 38 -3.17 -5.66 11.46
N ASP A 39 -3.10 -4.90 10.37
CA ASP A 39 -3.52 -5.39 9.08
C ASP A 39 -2.80 -4.50 8.06
N PHE A 40 -2.74 -4.98 6.82
CA PHE A 40 -2.10 -4.18 5.79
C PHE A 40 -2.99 -2.98 5.49
N SER A 41 -2.35 -1.83 5.31
CA SER A 41 -3.08 -0.61 5.03
C SER A 41 -2.60 -0.03 3.71
N ILE A 42 -3.39 0.88 3.16
CA ILE A 42 -3.03 1.50 1.89
C ILE A 42 -1.94 2.55 1.98
N HIS A 43 -0.97 2.46 1.08
CA HIS A 43 0.03 3.52 0.98
C HIS A 43 -0.44 4.35 -0.22
N GLY A 44 -0.57 3.72 -1.39
CA GLY A 44 -1.01 4.50 -2.54
C GLY A 44 -1.49 3.74 -3.76
N LEU A 45 -2.14 4.44 -4.69
CA LEU A 45 -2.64 3.87 -5.94
C LEU A 45 -1.95 4.79 -6.93
N TRP A 46 -0.90 4.29 -7.58
CA TRP A 46 -0.06 5.11 -8.45
C TRP A 46 -0.02 4.87 -9.95
N PRO A 47 -0.51 5.84 -10.74
CA PRO A 47 -0.48 5.70 -12.19
C PRO A 47 0.99 5.55 -12.56
N ASN A 48 1.29 4.67 -13.52
CA ASN A 48 2.68 4.39 -13.91
C ASN A 48 2.81 4.09 -15.40
N TYR A 49 4.02 4.21 -15.94
CA TYR A 49 4.30 3.86 -17.33
C TYR A 49 5.11 2.55 -17.36
N GLU A 50 4.99 1.79 -18.43
CA GLU A 50 5.72 0.54 -18.55
C GLU A 50 7.22 0.77 -18.67
N ASN A 51 7.62 2.01 -18.94
CA ASN A 51 9.04 2.29 -19.03
C ASN A 51 9.66 2.61 -17.66
N GLY A 52 8.86 2.53 -16.60
CA GLY A 52 9.41 2.77 -15.28
C GLY A 52 9.28 4.18 -14.73
N LYS A 53 8.91 5.12 -15.61
CA LYS A 53 8.72 6.49 -15.20
C LYS A 53 7.22 6.55 -14.90
N TRP A 54 6.75 7.71 -14.44
CA TRP A 54 5.33 7.85 -14.10
C TRP A 54 4.93 9.31 -14.09
N PRO A 55 3.63 9.59 -14.26
CA PRO A 55 3.16 10.98 -14.23
C PRO A 55 2.91 11.32 -12.76
N GLN A 56 3.04 12.59 -12.39
CA GLN A 56 2.76 13.00 -11.01
C GLN A 56 2.40 14.48 -11.01
N ASN A 57 1.57 14.89 -10.05
CA ASN A 57 1.13 16.29 -9.94
C ASN A 57 0.50 16.78 -11.24
N CYS A 58 -0.48 16.03 -11.74
CA CYS A 58 -1.12 16.38 -12.99
C CYS A 58 -2.04 17.58 -13.01
N ASP A 59 -2.63 17.92 -11.86
CA ASP A 59 -3.51 19.08 -11.80
C ASP A 59 -3.23 19.77 -10.48
N ARG A 60 -2.18 20.57 -10.47
CA ARG A 60 -1.80 21.30 -9.27
C ARG A 60 -2.89 22.23 -8.78
N GLU A 61 -3.91 22.47 -9.60
CA GLU A 61 -5.00 23.34 -9.18
C GLU A 61 -6.09 22.56 -8.45
N SER A 62 -6.01 21.24 -8.51
CA SER A 62 -7.02 20.42 -7.84
C SER A 62 -6.65 19.99 -6.43
N SER A 63 -7.39 20.53 -5.46
CA SER A 63 -7.18 20.20 -4.06
C SER A 63 -8.20 19.14 -3.68
N LEU A 64 -7.93 18.46 -2.57
CA LEU A 64 -8.82 17.41 -2.09
C LEU A 64 -10.06 17.95 -1.41
N ASP A 65 -11.24 17.60 -1.94
CA ASP A 65 -12.50 18.04 -1.34
C ASP A 65 -13.12 16.90 -0.54
N GLU A 66 -13.01 17.02 0.78
CA GLU A 66 -13.52 16.03 1.71
C GLU A 66 -15.00 15.73 1.67
N SER A 67 -15.82 16.70 1.24
CA SER A 67 -17.25 16.44 1.17
C SER A 67 -17.54 15.32 0.17
N GLU A 68 -16.72 15.25 -0.87
CA GLU A 68 -16.90 14.22 -1.88
C GLU A 68 -16.69 12.80 -1.32
N ILE A 69 -15.92 12.66 -0.25
CA ILE A 69 -15.69 11.35 0.34
C ILE A 69 -16.05 11.32 1.83
N SER A 70 -16.97 12.19 2.24
CA SER A 70 -17.36 12.28 3.66
C SER A 70 -17.64 10.94 4.31
N ASP A 71 -18.51 10.17 3.67
CA ASP A 71 -18.93 8.87 4.18
C ASP A 71 -17.86 7.78 4.13
N LEU A 72 -16.72 8.12 3.54
CA LEU A 72 -15.63 7.19 3.41
C LEU A 72 -14.52 7.50 4.42
N ILE A 73 -14.55 8.69 5.02
CA ILE A 73 -13.48 9.07 5.94
C ILE A 73 -13.24 8.15 7.11
N SER A 74 -14.30 7.68 7.76
CA SER A 74 -14.06 6.80 8.90
C SER A 74 -13.40 5.50 8.44
N THR A 75 -13.74 5.03 7.24
CA THR A 75 -13.13 3.81 6.73
C THR A 75 -11.69 4.09 6.32
N MET A 76 -11.44 5.24 5.73
CA MET A 76 -10.07 5.58 5.33
C MET A 76 -9.16 5.80 6.54
N GLU A 77 -9.73 6.29 7.65
CA GLU A 77 -8.88 6.50 8.84
C GLU A 77 -8.33 5.16 9.31
N LYS A 78 -9.06 4.09 9.06
CA LYS A 78 -8.63 2.78 9.48
C LYS A 78 -7.91 1.97 8.40
N ASN A 79 -8.20 2.25 7.14
CA ASN A 79 -7.56 1.50 6.05
C ASN A 79 -6.46 2.24 5.29
N TRP A 80 -6.36 3.54 5.54
CA TRP A 80 -5.35 4.39 4.88
C TRP A 80 -4.83 5.41 5.88
N PRO A 81 -4.42 4.94 7.07
CA PRO A 81 -3.91 5.87 8.08
C PRO A 81 -2.52 6.41 7.74
N SER A 82 -2.17 7.56 8.30
CA SER A 82 -0.84 8.12 8.12
C SER A 82 -0.13 7.78 9.42
N LEU A 83 1.09 7.26 9.35
CA LEU A 83 1.84 6.90 10.55
C LEU A 83 2.98 7.87 10.79
N ALA A 84 3.07 8.92 9.98
CA ALA A 84 4.13 9.90 10.14
C ALA A 84 3.84 10.79 11.35
N CYS A 85 4.87 11.50 11.78
CA CYS A 85 4.76 12.40 12.91
C CYS A 85 4.76 13.82 12.37
N PRO A 86 4.00 14.71 12.99
CA PRO A 86 3.17 14.40 14.16
C PRO A 86 1.90 13.64 13.79
N SER A 87 1.22 13.13 14.81
CA SER A 87 -0.01 12.39 14.63
C SER A 87 -1.06 13.24 13.89
N SER A 88 -1.75 12.65 12.93
CA SER A 88 -2.75 13.37 12.14
C SER A 88 -3.99 12.53 11.83
N ASP A 89 -5.02 13.17 11.27
CA ASP A 89 -6.27 12.46 10.94
C ASP A 89 -6.17 11.74 9.59
N GLY A 90 -5.02 11.86 8.94
CA GLY A 90 -4.81 11.23 7.65
C GLY A 90 -5.08 12.13 6.44
N VAL A 91 -5.86 13.20 6.65
CA VAL A 91 -6.25 14.10 5.56
C VAL A 91 -5.10 14.69 4.75
N ARG A 92 -4.00 15.05 5.43
CA ARG A 92 -2.84 15.60 4.74
C ARG A 92 -2.26 14.52 3.86
N PHE A 93 -2.20 13.30 4.39
CA PHE A 93 -1.67 12.16 3.65
C PHE A 93 -2.59 11.92 2.43
N TRP A 94 -3.90 11.93 2.64
CA TRP A 94 -4.82 11.72 1.51
C TRP A 94 -4.79 12.84 0.49
N SER A 95 -4.64 14.09 0.95
CA SER A 95 -4.60 15.22 0.03
C SER A 95 -3.33 15.13 -0.83
N HIS A 96 -2.22 14.79 -0.19
CA HIS A 96 -0.97 14.66 -0.91
C HIS A 96 -1.06 13.53 -1.97
N GLU A 97 -1.61 12.37 -1.61
CA GLU A 97 -1.75 11.25 -2.56
C GLU A 97 -2.68 11.63 -3.72
N TRP A 98 -3.77 12.32 -3.39
CA TRP A 98 -4.69 12.78 -4.42
C TRP A 98 -3.99 13.72 -5.39
N LEU A 99 -3.35 14.76 -4.87
CA LEU A 99 -2.69 15.72 -5.76
C LEU A 99 -1.56 15.14 -6.61
N LYS A 100 -0.70 14.36 -5.98
CA LYS A 100 0.46 13.78 -6.62
C LYS A 100 0.16 12.67 -7.60
N HIS A 101 -0.75 11.76 -7.20
CA HIS A 101 -1.09 10.61 -8.01
C HIS A 101 -2.54 10.57 -8.52
N GLY A 102 -3.50 10.87 -7.65
CA GLY A 102 -4.90 10.84 -8.05
C GLY A 102 -5.25 11.72 -9.24
N THR A 103 -4.69 12.93 -9.27
CA THR A 103 -4.97 13.81 -10.39
C THR A 103 -4.45 13.25 -11.71
N CYS A 104 -3.59 12.24 -11.66
CA CYS A 104 -3.03 11.66 -12.87
C CYS A 104 -3.72 10.35 -13.25
N SER A 105 -4.72 9.96 -12.46
CA SER A 105 -5.41 8.69 -12.61
C SER A 105 -6.58 8.60 -13.57
N ALA A 106 -7.10 9.75 -14.02
CA ALA A 106 -8.26 9.78 -14.92
C ALA A 106 -9.52 9.44 -14.14
N LEU A 107 -9.39 9.29 -12.82
CA LEU A 107 -10.52 8.98 -11.96
C LEU A 107 -10.94 10.23 -11.17
N GLY A 108 -12.23 10.33 -10.87
CA GLY A 108 -12.69 11.44 -10.06
C GLY A 108 -12.22 11.16 -8.63
N GLU A 109 -12.31 12.16 -7.76
CA GLU A 109 -11.84 11.96 -6.39
C GLU A 109 -12.46 10.78 -5.68
N ARG A 110 -13.79 10.66 -5.71
CA ARG A 110 -14.39 9.55 -5.00
C ARG A 110 -14.04 8.17 -5.57
N ALA A 111 -14.00 8.06 -6.89
CA ALA A 111 -13.70 6.81 -7.55
C ALA A 111 -12.28 6.40 -7.21
N TYR A 112 -11.38 7.37 -7.11
CA TYR A 112 -9.97 7.08 -6.79
C TYR A 112 -9.85 6.45 -5.41
N PHE A 113 -10.44 7.11 -4.42
CA PHE A 113 -10.35 6.55 -3.09
C PHE A 113 -11.16 5.26 -2.93
N GLN A 114 -12.31 5.17 -3.59
CA GLN A 114 -13.11 3.95 -3.50
C GLN A 114 -12.30 2.80 -4.12
N ALA A 115 -11.63 3.07 -5.23
CA ALA A 115 -10.81 2.05 -5.88
C ALA A 115 -9.73 1.54 -4.94
N ALA A 116 -9.03 2.45 -4.24
CA ALA A 116 -7.98 2.01 -3.34
C ALA A 116 -8.56 1.10 -2.25
N LEU A 117 -9.66 1.52 -1.63
CA LEU A 117 -10.32 0.72 -0.62
C LEU A 117 -10.77 -0.64 -1.14
N ASP A 118 -11.39 -0.65 -2.32
CA ASP A 118 -11.86 -1.89 -2.95
C ASP A 118 -10.70 -2.84 -3.25
N PHE A 119 -9.61 -2.31 -3.78
CA PHE A 119 -8.46 -3.21 -4.05
C PHE A 119 -7.76 -3.69 -2.79
N ARG A 120 -7.79 -2.92 -1.69
CA ARG A 120 -7.17 -3.38 -0.47
C ARG A 120 -7.99 -4.59 0.01
N LYS A 121 -9.31 -4.46 -0.05
CA LYS A 121 -10.19 -5.55 0.38
C LYS A 121 -10.06 -6.77 -0.52
N LYS A 122 -10.03 -6.55 -1.82
CA LYS A 122 -9.92 -7.66 -2.77
C LYS A 122 -8.63 -8.44 -2.57
N SER A 123 -7.52 -7.73 -2.45
CA SER A 123 -6.24 -8.39 -2.29
C SER A 123 -6.16 -9.18 -0.99
N ASN A 124 -6.93 -8.76 0.02
CA ASN A 124 -7.06 -9.49 1.29
C ASN A 124 -5.75 -10.18 1.74
N LEU A 125 -4.70 -9.40 1.83
CA LEU A 125 -3.38 -9.91 2.14
C LEU A 125 -3.21 -10.68 3.46
N LEU A 126 -3.62 -10.05 4.56
CA LEU A 126 -3.48 -10.68 5.87
C LEU A 126 -4.14 -12.05 5.89
N GLU A 127 -5.35 -12.16 5.34
CA GLU A 127 -6.06 -13.43 5.32
C GLU A 127 -5.44 -14.43 4.34
N ASN A 128 -4.97 -13.95 3.20
CA ASN A 128 -4.34 -14.86 2.28
C ASN A 128 -3.09 -15.48 2.91
N LEU A 129 -2.39 -14.69 3.73
CA LEU A 129 -1.19 -15.16 4.40
C LEU A 129 -1.59 -16.13 5.52
N LYS A 130 -2.70 -15.82 6.18
CA LYS A 130 -3.20 -16.68 7.26
C LYS A 130 -3.54 -18.05 6.71
N ASN A 131 -4.15 -18.08 5.53
CA ASN A 131 -4.49 -19.36 4.91
C ASN A 131 -3.25 -20.21 4.72
N ALA A 132 -2.11 -19.56 4.48
CA ALA A 132 -0.83 -20.25 4.27
C ALA A 132 -0.06 -20.42 5.57
N GLU A 133 -0.74 -20.14 6.68
CA GLU A 133 -0.16 -20.25 8.01
C GLU A 133 0.96 -19.25 8.29
N ILE A 134 0.92 -18.11 7.61
CA ILE A 134 1.91 -17.07 7.81
C ILE A 134 1.24 -15.95 8.62
N THR A 135 1.64 -15.83 9.89
CA THR A 135 1.06 -14.86 10.81
C THR A 135 2.14 -14.06 11.52
N PRO A 136 1.79 -12.86 11.98
CA PRO A 136 2.77 -12.01 12.65
C PRO A 136 3.43 -12.66 13.88
N ARG A 137 4.73 -12.42 14.01
CA ARG A 137 5.55 -12.93 15.12
C ARG A 137 6.93 -12.30 14.94
N ASN A 138 7.75 -12.25 15.99
CA ASN A 138 9.07 -11.66 15.83
C ASN A 138 10.13 -12.61 15.22
N GLY A 139 11.17 -12.02 14.62
CA GLY A 139 12.24 -12.80 14.00
C GLY A 139 12.01 -13.19 12.54
N GLU A 140 13.10 -13.42 11.80
CA GLU A 140 12.98 -13.80 10.38
C GLU A 140 12.59 -15.28 10.27
N HIS A 141 11.32 -15.53 10.55
CA HIS A 141 10.74 -16.88 10.58
C HIS A 141 10.18 -17.36 9.24
N TYR A 142 9.96 -16.47 8.29
CA TYR A 142 9.33 -16.88 7.02
C TYR A 142 10.14 -16.73 5.76
N THR A 143 10.01 -17.69 4.85
CA THR A 143 10.73 -17.56 3.60
C THR A 143 9.97 -16.56 2.76
N LEU A 144 10.69 -15.80 1.97
CA LEU A 144 10.08 -14.80 1.11
C LEU A 144 9.18 -15.54 0.11
N GLU A 145 9.65 -16.70 -0.33
CA GLU A 145 8.89 -17.49 -1.30
C GLU A 145 7.49 -17.84 -0.85
N SER A 146 7.35 -18.29 0.40
CA SER A 146 6.04 -18.67 0.92
C SER A 146 5.11 -17.47 1.00
N ILE A 147 5.68 -16.32 1.33
CA ILE A 147 4.89 -15.09 1.43
C ILE A 147 4.37 -14.72 0.02
N LYS A 148 5.25 -14.70 -0.97
CA LYS A 148 4.79 -14.33 -2.32
C LYS A 148 3.78 -15.33 -2.87
N LYS A 149 3.99 -16.61 -2.57
CA LYS A 149 3.10 -17.64 -3.06
C LYS A 149 1.73 -17.55 -2.43
N ALA A 150 1.70 -17.29 -1.13
CA ALA A 150 0.42 -17.16 -0.42
C ALA A 150 -0.42 -16.01 -1.00
N ILE A 151 0.21 -14.86 -1.24
CA ILE A 151 -0.50 -13.71 -1.79
C ILE A 151 -0.95 -14.00 -3.23
N GLU A 152 -0.07 -14.63 -3.99
CA GLU A 152 -0.35 -14.96 -5.37
C GLU A 152 -1.53 -15.93 -5.51
N GLU A 153 -1.62 -16.90 -4.61
CA GLU A 153 -2.72 -17.86 -4.74
C GLU A 153 -4.04 -17.15 -4.52
N GLY A 154 -4.03 -16.16 -3.64
CA GLY A 154 -5.22 -15.42 -3.32
C GLY A 154 -5.60 -14.32 -4.30
N VAL A 155 -4.61 -13.72 -4.96
CA VAL A 155 -4.89 -12.64 -5.89
C VAL A 155 -4.87 -13.06 -7.36
N GLY A 156 -4.15 -14.13 -7.67
CA GLY A 156 -4.08 -14.59 -9.04
C GLY A 156 -2.97 -13.89 -9.79
N HIS A 157 -2.22 -13.05 -9.09
CA HIS A 157 -1.12 -12.32 -9.70
C HIS A 157 -0.02 -12.22 -8.67
N SER A 158 1.23 -12.21 -9.11
CA SER A 158 2.33 -12.15 -8.17
C SER A 158 2.63 -10.73 -7.71
N PRO A 159 2.87 -10.56 -6.40
CA PRO A 159 3.17 -9.25 -5.81
C PRO A 159 4.68 -9.02 -5.85
N TYR A 160 5.09 -7.78 -5.61
CA TYR A 160 6.51 -7.43 -5.50
C TYR A 160 6.57 -7.04 -4.03
N ILE A 161 7.53 -7.57 -3.29
CA ILE A 161 7.64 -7.28 -1.88
C ILE A 161 8.84 -6.39 -1.59
N GLU A 162 8.61 -5.32 -0.83
CA GLU A 162 9.68 -4.42 -0.47
C GLU A 162 9.94 -4.63 1.01
N CYS A 163 11.20 -4.84 1.37
CA CYS A 163 11.57 -5.06 2.76
C CYS A 163 12.36 -3.90 3.32
N ASN A 164 12.35 -3.75 4.64
CA ASN A 164 13.18 -2.74 5.27
C ASN A 164 13.78 -3.45 6.49
N VAL A 165 14.45 -2.71 7.37
CA VAL A 165 15.09 -3.36 8.52
C VAL A 165 14.67 -2.74 9.85
N ASP A 166 14.23 -3.57 10.80
CA ASP A 166 13.82 -3.05 12.10
C ASP A 166 15.02 -2.55 12.90
N THR A 167 14.80 -2.19 14.15
CA THR A 167 15.88 -1.67 14.97
C THR A 167 16.94 -2.69 15.35
N GLN A 168 16.55 -3.97 15.39
CA GLN A 168 17.45 -5.05 15.75
C GLN A 168 18.16 -5.71 14.58
N GLY A 169 18.02 -5.11 13.39
CA GLY A 169 18.68 -5.66 12.22
C GLY A 169 17.90 -6.70 11.41
N ASN A 170 16.69 -7.03 11.83
CA ASN A 170 15.89 -8.02 11.11
C ASN A 170 15.35 -7.42 9.81
N HIS A 171 15.36 -8.21 8.75
CA HIS A 171 14.81 -7.76 7.47
C HIS A 171 13.35 -8.15 7.61
N GLN A 172 12.44 -7.24 7.27
CA GLN A 172 11.03 -7.49 7.45
C GLN A 172 10.22 -7.07 6.24
N ILE A 173 9.05 -7.69 6.06
CA ILE A 173 8.17 -7.32 4.96
C ILE A 173 7.65 -5.91 5.29
N TYR A 174 7.81 -4.97 4.36
CA TYR A 174 7.39 -3.60 4.61
C TYR A 174 6.26 -3.14 3.70
N GLN A 175 6.45 -3.27 2.39
CA GLN A 175 5.36 -2.88 1.48
C GLN A 175 5.09 -3.97 0.44
N VAL A 176 3.86 -4.04 -0.05
CA VAL A 176 3.51 -5.04 -1.03
C VAL A 176 2.93 -4.31 -2.22
N TYR A 177 3.51 -4.58 -3.39
CA TYR A 177 3.06 -3.98 -4.64
C TYR A 177 2.31 -4.98 -5.49
N LEU A 178 1.16 -4.57 -6.02
CA LEU A 178 0.37 -5.38 -6.95
C LEU A 178 0.03 -4.36 -8.04
N CYS A 179 -0.30 -4.85 -9.23
CA CYS A 179 -0.64 -3.98 -10.33
C CYS A 179 -2.11 -4.08 -10.67
N VAL A 180 -2.67 -2.94 -11.05
CA VAL A 180 -4.09 -2.81 -11.44
C VAL A 180 -4.15 -2.19 -12.85
N ASP A 181 -5.09 -2.65 -13.68
CA ASP A 181 -5.17 -2.10 -15.04
C ASP A 181 -5.51 -0.60 -15.04
N LYS A 182 -5.24 0.08 -16.15
CA LYS A 182 -5.46 1.52 -16.22
C LYS A 182 -6.88 2.01 -16.00
N THR A 183 -7.85 1.13 -16.17
CA THR A 183 -9.24 1.55 -15.92
C THR A 183 -9.63 1.25 -14.48
N ALA A 184 -8.66 0.81 -13.67
CA ALA A 184 -8.87 0.49 -12.25
C ALA A 184 -9.97 -0.54 -12.04
N THR A 185 -10.03 -1.52 -12.93
CA THR A 185 -11.07 -2.55 -12.83
C THR A 185 -10.58 -3.86 -12.17
N ASP A 186 -9.40 -4.34 -12.58
CA ASP A 186 -8.86 -5.57 -12.01
C ASP A 186 -7.36 -5.57 -11.77
N PHE A 187 -6.92 -6.55 -11.00
CA PHE A 187 -5.50 -6.73 -10.78
C PHE A 187 -5.02 -7.37 -12.07
N ILE A 188 -3.77 -7.09 -12.43
CA ILE A 188 -3.17 -7.63 -13.64
C ILE A 188 -1.76 -8.07 -13.28
N ASP A 189 -1.08 -8.72 -14.21
CA ASP A 189 0.30 -9.09 -13.93
C ASP A 189 1.07 -7.77 -14.16
N CYS A 190 2.00 -7.46 -13.27
CA CYS A 190 2.80 -6.25 -13.42
C CYS A 190 3.70 -6.31 -14.66
N PRO A 191 3.67 -5.26 -15.50
CA PRO A 191 4.52 -5.24 -16.71
C PRO A 191 6.00 -5.11 -16.31
N ILE A 192 6.21 -4.40 -15.20
CA ILE A 192 7.53 -4.12 -14.65
C ILE A 192 7.35 -4.07 -13.12
N PHE A 193 8.44 -4.28 -12.37
CA PHE A 193 8.42 -4.23 -10.91
C PHE A 193 9.49 -3.24 -10.49
N PRO A 194 9.41 -2.71 -9.26
CA PRO A 194 10.49 -1.78 -8.87
C PRO A 194 11.78 -2.62 -8.85
N HIS A 195 12.94 -1.98 -8.83
CA HIS A 195 14.20 -2.73 -8.81
C HIS A 195 14.99 -2.53 -7.52
N GLY A 196 14.31 -2.14 -6.45
CA GLY A 196 14.98 -1.91 -5.20
C GLY A 196 15.56 -3.15 -4.56
N ARG A 197 16.46 -3.82 -5.27
CA ARG A 197 17.11 -5.03 -4.78
C ARG A 197 16.85 -5.15 -3.29
N GLY A 198 15.93 -6.03 -2.92
CA GLY A 198 15.60 -6.19 -1.52
C GLY A 198 14.86 -7.47 -1.18
N CYS A 199 14.91 -7.79 0.11
CA CYS A 199 14.31 -8.98 0.72
C CYS A 199 15.18 -10.20 0.56
N GLY A 200 15.70 -10.63 1.69
CA GLY A 200 16.50 -11.82 1.75
C GLY A 200 15.54 -12.97 1.61
N SER A 201 16.08 -14.19 1.70
CA SER A 201 15.26 -15.36 1.55
C SER A 201 14.40 -15.64 2.77
N LYS A 202 14.84 -15.17 3.93
CA LYS A 202 14.08 -15.34 5.19
C LYS A 202 13.77 -13.95 5.76
N ILE A 203 12.50 -13.65 6.02
CA ILE A 203 12.17 -12.34 6.56
C ILE A 203 11.17 -12.38 7.69
N GLU A 204 11.05 -11.24 8.37
CA GLU A 204 10.17 -11.08 9.52
C GLU A 204 8.84 -10.45 9.11
N PHE A 205 7.77 -10.85 9.80
CA PHE A 205 6.40 -10.35 9.60
C PHE A 205 6.07 -9.99 11.05
N PRO A 206 6.58 -8.84 11.52
CA PRO A 206 6.39 -8.35 12.88
C PRO A 206 5.02 -7.93 13.40
N PRO A 207 4.78 -8.19 14.70
CA PRO A 207 3.52 -7.82 15.34
C PRO A 207 3.76 -6.35 15.74
N PHE A 208 2.73 -5.66 16.20
CA PHE A 208 2.91 -4.26 16.61
C PHE A 208 3.80 -4.07 17.83
P 5GP B . 11.04 9.20 -1.30
O1P 5GP B . 11.24 10.24 -0.25
O2P 5GP B . 11.99 9.35 -2.47
O3P 5GP B . 11.12 7.75 -0.69
O5' 5GP B . 9.53 9.27 -1.93
C5' 5GP B . 9.13 8.42 -3.03
C4' 5GP B . 7.76 8.76 -3.61
O4' 5GP B . 7.98 8.92 -5.07
C3' 5GP B . 6.66 7.71 -3.52
O3' 5GP B . 5.88 7.78 -2.35
C2' 5GP B . 5.83 7.95 -4.78
O2' 5GP B . 4.88 9.01 -4.64
C1' 5GP B . 6.89 8.27 -5.79
N9 5GP B . 7.43 7.13 -6.56
C8 5GP B . 8.57 6.37 -6.33
N7 5GP B . 8.62 5.24 -6.99
C5 5GP B . 7.46 5.31 -7.79
C6 5GP B . 7.03 4.39 -8.80
O6 5GP B . 7.61 3.37 -9.17
N1 5GP B . 5.80 4.77 -9.39
C2 5GP B . 5.08 5.92 -9.03
N2 5GP B . 3.97 6.12 -9.77
N3 5GP B . 5.45 6.79 -8.05
C4 5GP B . 6.69 6.43 -7.50
P 5GP C . 3.67 9.78 -2.03
O1P 5GP C . 3.42 8.39 -2.47
O2P 5GP C . 5.06 10.31 -2.34
O3P 5GP C . 2.57 10.75 -2.63
O5' 5GP C . 3.48 9.93 -0.42
C5' 5GP C . 4.49 9.44 0.48
C4' 5GP C . 4.80 10.44 1.58
O4' 5GP C . 3.67 10.32 2.51
C3' 5GP C . 6.04 10.20 2.42
O3' 5GP C . 7.15 10.97 2.00
C2' 5GP C . 5.66 10.55 3.87
O2' 5GP C . 6.20 11.82 4.29
C1' 5GP C . 4.13 10.53 3.86
N9 5GP C . 3.41 9.60 4.79
C8 5GP C . 2.47 9.90 5.74
N7 5GP C . 2.07 8.89 6.48
C5 5GP C . 2.74 7.80 5.88
C6 5GP C . 2.64 6.40 6.21
O6 5GP C . 1.90 5.89 7.04
N1 5GP C . 3.55 5.60 5.45
C2 5GP C . 4.33 6.11 4.40
N2 5GP C . 5.08 5.15 3.77
N3 5GP C . 4.37 7.41 4.02
C4 5GP C . 3.56 8.21 4.84
#